data_8DLD
#
_entry.id   8DLD
#
_cell.length_a   62.550
_cell.length_b   49.880
_cell.length_c   76.820
_cell.angle_alpha   90.000
_cell.angle_beta   110.870
_cell.angle_gamma   90.000
#
_symmetry.space_group_name_H-M   'C 1 2 1'
#
loop_
_entity.id
_entity.type
_entity.pdbx_description
1 polymer 'Chalcone-flavonone isomerase family protein'
2 water water
#
_entity_poly.entity_id   1
_entity_poly.type   'polypeptide(L)'
_entity_poly.pdbx_seq_one_letter_code
;RGSHGGSMGPQVVKVEDIDFATKFTPPTGSTELDLIGYGNTGMEIETVEIRFTAIGFYAEPSISEHLQKWKGTPSSNLVE
DDSGFHKELIQAPVEKAVRISIIKGIKGLPYGSALQSSLRDRLVNNDLFEEEEEEALEKLAEFFQPHNLPKGTNIIYHWA
TPSSVKVSLSEEGKMPEDVAYTIDDAHVAEALLDLYLGENTITPSTLASVAEAIAA
;
_entity_poly.pdbx_strand_id   A
#
# COMPACT_ATOMS: atom_id res chain seq x y z
N PRO A 10 -8.93 -16.73 11.28
CA PRO A 10 -7.88 -17.75 11.37
C PRO A 10 -6.51 -17.14 11.41
N GLN A 11 -5.52 -17.90 10.93
CA GLN A 11 -4.16 -17.43 10.79
C GLN A 11 -3.80 -17.11 9.33
N VAL A 12 -4.60 -17.55 8.37
CA VAL A 12 -4.31 -17.34 6.97
C VAL A 12 -5.61 -17.00 6.27
N VAL A 13 -5.54 -16.07 5.32
CA VAL A 13 -6.69 -15.57 4.58
C VAL A 13 -6.37 -15.67 3.10
N LYS A 14 -7.38 -16.02 2.30
CA LYS A 14 -7.24 -16.09 0.85
C LYS A 14 -7.58 -14.74 0.25
N VAL A 15 -6.64 -14.15 -0.47
CA VAL A 15 -6.86 -12.91 -1.21
C VAL A 15 -6.52 -13.23 -2.66
N GLU A 16 -7.54 -13.36 -3.49
CA GLU A 16 -7.33 -13.77 -4.87
C GLU A 16 -6.62 -15.12 -4.92
N ASP A 17 -7.09 -16.04 -4.07
CA ASP A 17 -6.57 -17.42 -3.92
C ASP A 17 -5.10 -17.41 -3.52
N ILE A 18 -4.62 -16.31 -2.93
CA ILE A 18 -3.24 -16.17 -2.45
C ILE A 18 -3.30 -16.10 -0.93
N ASP A 19 -2.39 -16.80 -0.28
CA ASP A 19 -2.37 -16.83 1.18
C ASP A 19 -1.81 -15.51 1.72
N PHE A 20 -2.58 -14.86 2.59
CA PHE A 20 -2.12 -13.73 3.38
C PHE A 20 -2.23 -14.07 4.86
N ALA A 21 -1.11 -13.98 5.57
CA ALA A 21 -1.16 -14.17 7.02
C ALA A 21 -2.02 -13.09 7.69
N THR A 22 -2.70 -13.48 8.76
CA THR A 22 -3.49 -12.50 9.50
C THR A 22 -2.65 -11.64 10.42
N LYS A 23 -1.44 -12.10 10.79
CA LYS A 23 -0.49 -11.30 11.51
C LYS A 23 0.88 -11.42 10.84
N PHE A 24 1.69 -10.37 10.97
CA PHE A 24 2.87 -10.22 10.13
C PHE A 24 3.80 -9.15 10.71
N THR A 25 5.09 -9.49 10.79
CA THR A 25 6.13 -8.53 11.15
C THR A 25 6.96 -8.24 9.92
N PRO A 26 6.97 -7.02 9.37
CA PRO A 26 7.75 -6.78 8.14
C PRO A 26 9.22 -7.01 8.39
N PRO A 27 10.02 -7.11 7.33
CA PRO A 27 11.48 -7.29 7.52
C PRO A 27 12.10 -6.20 8.36
N THR A 28 12.90 -6.63 9.35
CA THR A 28 13.61 -5.78 10.30
C THR A 28 12.69 -4.98 11.21
N GLY A 29 11.39 -5.26 11.20
CA GLY A 29 10.50 -4.52 12.05
C GLY A 29 10.44 -5.13 13.46
N SER A 30 10.05 -4.29 14.41
CA SER A 30 9.94 -4.67 15.81
C SER A 30 8.51 -4.96 16.24
N THR A 31 7.55 -4.87 15.33
CA THR A 31 6.17 -4.80 15.75
C THR A 31 5.29 -5.68 14.90
N GLU A 32 4.49 -6.49 15.57
CA GLU A 32 3.52 -7.34 14.90
C GLU A 32 2.35 -6.52 14.41
N LEU A 33 2.02 -6.65 13.11
CA LEU A 33 0.90 -5.94 12.53
C LEU A 33 -0.23 -6.89 12.15
N ASP A 34 -1.46 -6.44 12.35
CA ASP A 34 -2.61 -7.26 12.04
C ASP A 34 -3.06 -6.94 10.62
N LEU A 35 -3.71 -7.91 9.98
CA LEU A 35 -4.34 -7.70 8.66
C LEU A 35 -5.66 -6.98 8.88
N ILE A 36 -5.73 -5.75 8.39
CA ILE A 36 -6.94 -4.96 8.57
C ILE A 36 -7.91 -5.13 7.40
N GLY A 37 -7.40 -5.09 6.16
CA GLY A 37 -8.22 -5.24 4.97
C GLY A 37 -7.38 -5.72 3.81
N TYR A 38 -8.08 -6.18 2.76
CA TYR A 38 -7.40 -6.70 1.59
C TYR A 38 -8.27 -6.48 0.35
N GLY A 39 -7.62 -6.55 -0.79
CA GLY A 39 -8.28 -6.31 -2.04
C GLY A 39 -7.31 -6.54 -3.16
N ASN A 40 -7.55 -5.86 -4.28
CA ASN A 40 -6.74 -6.06 -5.46
C ASN A 40 -6.51 -4.72 -6.12
N THR A 41 -5.47 -4.66 -6.96
CA THR A 41 -5.27 -3.51 -7.82
C THR A 41 -5.34 -4.03 -9.26
N GLY A 42 -5.43 -3.10 -10.21
CA GLY A 42 -5.71 -3.48 -11.58
C GLY A 42 -4.70 -2.92 -12.58
N MET A 43 -4.85 -3.41 -13.81
N MET A 43 -4.85 -3.40 -13.81
CA MET A 43 -4.16 -2.87 -14.97
CA MET A 43 -4.15 -2.88 -14.97
C MET A 43 -5.16 -2.92 -16.12
C MET A 43 -5.15 -2.96 -16.13
N GLU A 44 -4.75 -2.41 -17.28
CA GLU A 44 -5.61 -2.48 -18.44
C GLU A 44 -4.75 -2.77 -19.67
N ILE A 45 -5.35 -3.47 -20.63
CA ILE A 45 -4.79 -3.59 -21.97
C ILE A 45 -5.90 -3.16 -22.92
N GLU A 46 -5.70 -2.06 -23.64
CA GLU A 46 -6.66 -1.56 -24.63
C GLU A 46 -8.08 -1.54 -24.07
N THR A 47 -8.20 -0.94 -22.91
CA THR A 47 -9.40 -0.71 -22.11
C THR A 47 -9.89 -1.95 -21.39
N VAL A 48 -9.31 -3.10 -21.57
CA VAL A 48 -9.78 -4.27 -20.85
C VAL A 48 -9.17 -4.31 -19.45
N GLU A 49 -10.02 -4.47 -18.45
CA GLU A 49 -9.60 -4.47 -17.03
C GLU A 49 -9.10 -5.85 -16.62
N ILE A 50 -7.91 -5.88 -16.01
CA ILE A 50 -7.26 -7.12 -15.60
C ILE A 50 -6.78 -6.97 -14.16
N ARG A 51 -6.91 -8.04 -13.38
CA ARG A 51 -6.41 -8.02 -12.00
C ARG A 51 -4.89 -8.11 -12.02
N PHE A 52 -4.24 -7.17 -11.33
CA PHE A 52 -2.79 -6.99 -11.40
C PHE A 52 -2.07 -7.48 -10.14
N THR A 53 -2.55 -7.08 -8.97
CA THR A 53 -1.97 -7.56 -7.74
C THR A 53 -3.06 -7.90 -6.74
N ALA A 54 -2.67 -8.73 -5.75
CA ALA A 54 -3.42 -8.90 -4.51
C ALA A 54 -2.71 -8.01 -3.50
N ILE A 55 -3.51 -7.37 -2.64
N ILE A 55 -3.47 -7.35 -2.63
CA ILE A 55 -3.05 -6.40 -1.68
CA ILE A 55 -2.86 -6.43 -1.69
C ILE A 55 -3.56 -6.78 -0.30
C ILE A 55 -3.53 -6.56 -0.34
N GLY A 56 -2.70 -6.61 0.70
CA GLY A 56 -3.15 -6.70 2.07
C GLY A 56 -2.59 -5.54 2.88
N PHE A 57 -3.47 -4.91 3.64
CA PHE A 57 -3.12 -3.75 4.42
C PHE A 57 -3.05 -4.17 5.89
N TYR A 58 -1.90 -3.92 6.50
CA TYR A 58 -1.61 -4.33 7.88
C TYR A 58 -1.35 -3.11 8.75
N ALA A 59 -1.63 -3.24 10.03
CA ALA A 59 -1.37 -2.13 10.91
C ALA A 59 -1.34 -2.64 12.34
N GLU A 60 -0.78 -1.86 13.23
CA GLU A 60 -0.81 -2.22 14.65
C GLU A 60 -2.27 -2.39 15.07
N PRO A 61 -2.62 -3.46 15.80
CA PRO A 61 -4.01 -3.65 16.24
C PRO A 61 -4.67 -2.41 16.81
N SER A 62 -3.89 -1.57 17.49
CA SER A 62 -4.46 -0.37 18.11
C SER A 62 -5.11 0.57 17.12
N ILE A 63 -4.77 0.47 15.82
CA ILE A 63 -5.37 1.41 14.88
C ILE A 63 -6.88 1.44 15.06
N SER A 64 -7.47 0.31 15.42
CA SER A 64 -8.90 0.25 15.75
C SER A 64 -9.30 1.30 16.78
N GLU A 65 -8.52 1.43 17.85
CA GLU A 65 -8.87 2.39 18.89
C GLU A 65 -8.61 3.82 18.45
N HIS A 66 -7.54 4.06 17.70
CA HIS A 66 -7.35 5.41 17.20
C HIS A 66 -8.54 5.85 16.35
N LEU A 67 -9.24 4.88 15.74
CA LEU A 67 -10.37 5.18 14.89
C LEU A 67 -11.71 4.82 15.52
N GLN A 68 -11.77 4.78 16.86
CA GLN A 68 -12.99 4.41 17.58
C GLN A 68 -14.21 5.17 17.09
N LYS A 69 -14.03 6.46 16.79
CA LYS A 69 -15.14 7.34 16.46
C LYS A 69 -15.92 6.92 15.23
N TRP A 70 -15.37 6.01 14.40
CA TRP A 70 -16.06 5.53 13.21
C TRP A 70 -16.82 4.25 13.45
N LYS A 71 -16.59 3.60 14.60
CA LYS A 71 -17.35 2.40 14.92
C LYS A 71 -18.83 2.69 14.76
N GLY A 72 -19.55 1.73 14.21
CA GLY A 72 -20.97 1.86 14.04
C GLY A 72 -21.42 2.76 12.90
N THR A 73 -20.48 3.35 12.12
CA THR A 73 -20.94 4.01 10.90
C THR A 73 -20.99 2.99 9.76
N PRO A 74 -21.91 3.13 8.82
CA PRO A 74 -21.87 2.25 7.64
C PRO A 74 -20.54 2.37 6.91
N SER A 75 -20.05 1.24 6.43
CA SER A 75 -18.87 1.24 5.56
C SER A 75 -19.01 2.24 4.43
N SER A 76 -20.19 2.30 3.82
CA SER A 76 -20.40 3.16 2.65
C SER A 76 -20.21 4.62 2.99
N ASN A 77 -20.53 5.02 4.23
CA ASN A 77 -20.23 6.37 4.68
C ASN A 77 -18.74 6.62 4.69
N LEU A 78 -17.97 5.64 5.19
CA LEU A 78 -16.54 5.85 5.43
C LEU A 78 -15.80 6.13 4.12
N VAL A 79 -16.04 5.32 3.09
CA VAL A 79 -15.29 5.45 1.84
C VAL A 79 -15.76 6.63 1.00
N GLU A 80 -16.90 7.22 1.31
CA GLU A 80 -17.40 8.33 0.51
C GLU A 80 -16.45 9.51 0.57
N ASP A 81 -16.31 10.22 -0.55
CA ASP A 81 -15.46 11.40 -0.58
C ASP A 81 -15.84 12.35 0.56
N ASP A 82 -14.88 13.15 0.99
CA ASP A 82 -15.07 14.18 2.00
C ASP A 82 -15.67 13.65 3.30
N SER A 83 -15.65 12.32 3.49
CA SER A 83 -16.12 11.77 4.77
C SER A 83 -15.17 12.15 5.90
N GLY A 84 -13.89 12.39 5.57
CA GLY A 84 -12.85 12.59 6.53
C GLY A 84 -12.14 11.34 7.01
N PHE A 85 -12.73 10.15 6.78
CA PHE A 85 -12.16 8.92 7.30
C PHE A 85 -10.79 8.64 6.69
N HIS A 86 -10.68 8.80 5.36
CA HIS A 86 -9.44 8.51 4.67
C HIS A 86 -8.26 9.13 5.38
N LYS A 87 -8.31 10.45 5.60
CA LYS A 87 -7.16 11.14 6.18
C LYS A 87 -6.85 10.62 7.58
N GLU A 88 -7.88 10.32 8.38
CA GLU A 88 -7.62 9.82 9.74
C GLU A 88 -7.04 8.42 9.71
N LEU A 89 -7.47 7.60 8.75
CA LEU A 89 -6.84 6.30 8.55
C LEU A 89 -5.37 6.48 8.22
N ILE A 90 -5.10 7.33 7.23
CA ILE A 90 -3.74 7.54 6.74
C ILE A 90 -2.86 8.10 7.84
N GLN A 91 -3.40 8.92 8.71
CA GLN A 91 -2.61 9.62 9.71
C GLN A 91 -2.61 8.93 11.07
N ALA A 92 -3.36 7.85 11.24
CA ALA A 92 -3.31 7.10 12.48
C ALA A 92 -1.84 6.90 12.91
N PRO A 93 -1.48 7.23 14.14
CA PRO A 93 -0.06 7.20 14.54
C PRO A 93 0.41 5.80 14.93
N VAL A 94 0.37 4.88 13.98
CA VAL A 94 0.74 3.49 14.23
C VAL A 94 1.50 2.99 13.00
N GLU A 95 2.30 1.97 13.22
CA GLU A 95 3.00 1.27 12.12
C GLU A 95 2.01 0.64 11.16
N LYS A 96 2.35 0.69 9.86
CA LYS A 96 1.47 0.15 8.83
C LYS A 96 2.34 -0.51 7.76
N ALA A 97 1.72 -1.44 7.03
CA ALA A 97 2.41 -2.05 5.91
C ALA A 97 1.40 -2.46 4.87
N VAL A 98 1.86 -2.49 3.63
CA VAL A 98 1.10 -3.18 2.61
C VAL A 98 2.00 -4.31 2.11
N ARG A 99 1.38 -5.48 1.92
CA ARG A 99 1.98 -6.58 1.19
C ARG A 99 1.27 -6.68 -0.14
N ILE A 100 2.04 -6.62 -1.20
CA ILE A 100 1.58 -6.81 -2.57
C ILE A 100 2.07 -8.13 -3.11
N SER A 101 1.15 -8.93 -3.66
CA SER A 101 1.50 -10.15 -4.36
C SER A 101 1.11 -9.99 -5.83
N ILE A 102 2.10 -10.03 -6.72
CA ILE A 102 1.92 -9.77 -8.15
C ILE A 102 1.12 -10.91 -8.79
N ILE A 103 0.00 -10.58 -9.44
CA ILE A 103 -0.85 -11.58 -10.12
C ILE A 103 -0.51 -11.67 -11.59
N LYS A 104 -0.26 -10.55 -12.22
CA LYS A 104 0.15 -10.47 -13.64
C LYS A 104 1.57 -9.91 -13.64
N GLY A 105 2.55 -10.72 -14.06
CA GLY A 105 3.93 -10.30 -13.99
C GLY A 105 4.19 -9.05 -14.81
N ILE A 106 5.20 -8.28 -14.38
CA ILE A 106 5.53 -7.01 -15.03
C ILE A 106 7.01 -6.72 -14.83
N LYS A 107 7.60 -6.03 -15.79
CA LYS A 107 8.97 -5.55 -15.58
C LYS A 107 9.02 -4.42 -14.56
N GLY A 108 10.20 -4.25 -13.96
CA GLY A 108 10.33 -3.29 -12.87
C GLY A 108 10.27 -1.86 -13.30
N LEU A 109 10.77 -1.55 -14.51
N LEU A 109 10.75 -1.55 -14.51
CA LEU A 109 10.70 -0.16 -14.98
CA LEU A 109 10.69 -0.16 -14.96
C LEU A 109 9.25 0.30 -15.11
C LEU A 109 9.25 0.32 -15.10
N PRO A 110 8.40 -0.35 -15.90
CA PRO A 110 7.02 0.15 -15.98
C PRO A 110 6.34 0.25 -14.61
N TYR A 111 6.59 -0.68 -13.71
CA TYR A 111 5.95 -0.56 -12.40
C TYR A 111 6.45 0.68 -11.67
N GLY A 112 7.77 0.87 -11.60
CA GLY A 112 8.29 2.02 -10.87
C GLY A 112 7.91 3.34 -11.49
N SER A 113 7.83 3.38 -12.82
CA SER A 113 7.37 4.59 -13.49
C SER A 113 5.90 4.87 -13.23
N ALA A 114 5.08 3.83 -13.20
CA ALA A 114 3.67 4.05 -12.88
C ALA A 114 3.54 4.57 -11.45
N LEU A 115 4.29 3.97 -10.54
CA LEU A 115 4.28 4.45 -9.16
C LEU A 115 4.68 5.91 -9.09
N GLN A 116 5.80 6.25 -9.70
CA GLN A 116 6.24 7.63 -9.79
C GLN A 116 5.17 8.55 -10.35
N SER A 117 4.52 8.12 -11.44
N SER A 117 4.53 8.11 -11.45
CA SER A 117 3.51 8.97 -12.04
CA SER A 117 3.50 8.93 -12.06
C SER A 117 2.34 9.19 -11.10
C SER A 117 2.35 9.18 -11.10
N SER A 118 1.93 8.14 -10.39
CA SER A 118 0.77 8.26 -9.51
C SER A 118 1.09 9.08 -8.27
N LEU A 119 2.30 8.92 -7.75
CA LEU A 119 2.67 9.66 -6.54
C LEU A 119 2.88 11.13 -6.87
N ARG A 120 3.47 11.41 -8.05
CA ARG A 120 3.60 12.78 -8.51
C ARG A 120 2.24 13.44 -8.62
N ASP A 121 1.30 12.78 -9.28
CA ASP A 121 -0.03 13.36 -9.48
C ASP A 121 -0.60 13.78 -8.13
N ARG A 122 -0.53 12.87 -7.15
CA ARG A 122 -1.07 13.13 -5.82
C ARG A 122 -0.33 14.27 -5.14
N LEU A 123 1.01 14.33 -5.29
CA LEU A 123 1.73 15.42 -4.64
C LEU A 123 1.47 16.76 -5.31
N VAL A 124 1.45 16.75 -6.65
CA VAL A 124 1.10 17.94 -7.42
C VAL A 124 -0.29 18.45 -7.05
N ASN A 125 -1.27 17.55 -7.01
CA ASN A 125 -2.63 17.95 -6.67
C ASN A 125 -2.74 18.53 -5.26
N ASN A 126 -1.76 18.31 -4.40
CA ASN A 126 -1.79 18.88 -3.07
C ASN A 126 -0.70 19.92 -2.86
N ASP A 127 -0.13 20.44 -3.94
CA ASP A 127 0.86 21.51 -3.84
C ASP A 127 2.07 21.08 -3.02
N LEU A 128 2.41 19.79 -3.04
CA LEU A 128 3.54 19.30 -2.23
C LEU A 128 4.70 18.84 -3.09
N PHE A 129 4.66 19.07 -4.39
CA PHE A 129 5.64 18.49 -5.29
C PHE A 129 6.75 19.51 -5.52
N GLU A 130 7.73 19.52 -4.61
CA GLU A 130 8.92 20.35 -4.75
C GLU A 130 10.09 19.49 -5.19
N GLU A 131 11.28 20.12 -5.28
CA GLU A 131 12.43 19.40 -5.81
C GLU A 131 12.78 18.19 -4.94
N GLU A 132 12.58 18.29 -3.62
CA GLU A 132 12.85 17.14 -2.76
C GLU A 132 12.00 15.94 -3.15
N GLU A 133 10.69 16.13 -3.22
CA GLU A 133 9.80 15.03 -3.58
C GLU A 133 10.11 14.52 -4.98
N GLU A 134 10.43 15.43 -5.92
CA GLU A 134 10.74 14.99 -7.28
C GLU A 134 11.94 14.08 -7.32
N GLU A 135 13.01 14.45 -6.61
CA GLU A 135 14.19 13.59 -6.55
C GLU A 135 13.86 12.26 -5.89
N ALA A 136 13.12 12.27 -4.78
CA ALA A 136 12.84 11.01 -4.11
C ALA A 136 12.10 10.06 -5.05
N LEU A 137 11.20 10.59 -5.88
CA LEU A 137 10.45 9.71 -6.78
C LEU A 137 11.32 9.16 -7.90
N GLU A 138 12.21 9.99 -8.44
CA GLU A 138 13.16 9.51 -9.42
C GLU A 138 13.98 8.35 -8.86
N LYS A 139 14.41 8.48 -7.61
CA LYS A 139 15.24 7.42 -7.05
C LYS A 139 14.43 6.17 -6.69
N LEU A 140 13.15 6.32 -6.33
CA LEU A 140 12.27 5.16 -6.19
C LEU A 140 12.11 4.42 -7.52
N ALA A 141 11.80 5.16 -8.61
CA ALA A 141 11.67 4.53 -9.90
C ALA A 141 12.95 3.82 -10.30
N GLU A 142 14.10 4.42 -9.97
CA GLU A 142 15.38 3.83 -10.33
C GLU A 142 15.61 2.54 -9.55
N PHE A 143 15.17 2.51 -8.29
CA PHE A 143 15.30 1.27 -7.54
C PHE A 143 14.63 0.11 -8.27
N PHE A 144 13.46 0.33 -8.90
CA PHE A 144 12.73 -0.77 -9.51
C PHE A 144 13.24 -1.11 -10.91
N GLN A 145 13.88 -0.15 -11.59
CA GLN A 145 14.18 -0.28 -13.01
C GLN A 145 14.98 -1.54 -13.36
N PRO A 146 15.91 -2.03 -12.54
CA PRO A 146 16.66 -3.24 -12.93
C PRO A 146 15.95 -4.55 -12.64
N HIS A 147 14.84 -4.55 -11.94
CA HIS A 147 14.19 -5.77 -11.49
C HIS A 147 13.09 -6.21 -12.44
N ASN A 148 12.80 -7.50 -12.40
CA ASN A 148 11.60 -8.06 -13.03
C ASN A 148 10.70 -8.47 -11.88
N LEU A 149 9.38 -8.32 -12.06
CA LEU A 149 8.41 -8.59 -11.01
C LEU A 149 7.45 -9.65 -11.53
N PRO A 150 7.90 -10.89 -11.61
CA PRO A 150 7.04 -11.92 -12.19
C PRO A 150 5.90 -12.28 -11.25
N LYS A 151 4.90 -12.96 -11.82
CA LYS A 151 3.78 -13.47 -11.03
C LYS A 151 4.32 -14.16 -9.77
N GLY A 152 3.74 -13.82 -8.62
CA GLY A 152 4.15 -14.39 -7.35
C GLY A 152 5.12 -13.54 -6.55
N THR A 153 5.83 -12.62 -7.20
CA THR A 153 6.72 -11.70 -6.45
C THR A 153 5.96 -11.01 -5.32
N ASN A 154 6.63 -10.84 -4.16
CA ASN A 154 6.11 -10.04 -3.07
C ASN A 154 6.82 -8.69 -2.99
N ILE A 155 6.05 -7.64 -2.79
CA ILE A 155 6.55 -6.29 -2.50
C ILE A 155 5.92 -5.89 -1.16
N ILE A 156 6.74 -5.46 -0.23
CA ILE A 156 6.27 -5.00 1.06
C ILE A 156 6.64 -3.53 1.19
N TYR A 157 5.67 -2.69 1.48
CA TYR A 157 5.94 -1.30 1.88
C TYR A 157 5.62 -1.18 3.36
N HIS A 158 6.60 -0.76 4.16
CA HIS A 158 6.42 -0.69 5.61
C HIS A 158 6.61 0.75 6.08
N TRP A 159 5.54 1.33 6.68
CA TRP A 159 5.59 2.69 7.22
C TRP A 159 5.99 2.54 8.69
N ALA A 160 7.30 2.42 8.89
CA ALA A 160 7.81 2.18 10.24
C ALA A 160 7.70 3.45 11.08
N THR A 161 8.08 4.56 10.48
CA THR A 161 7.83 5.90 10.94
C THR A 161 6.88 6.57 9.97
N PRO A 162 6.18 7.62 10.38
CA PRO A 162 5.25 8.28 9.44
C PRO A 162 5.97 8.92 8.27
N SER A 163 7.25 9.28 8.43
CA SER A 163 8.03 9.92 7.39
C SER A 163 8.92 8.96 6.61
N SER A 164 8.80 7.65 6.81
CA SER A 164 9.71 6.71 6.18
C SER A 164 8.95 5.47 5.71
N VAL A 165 9.44 4.87 4.63
CA VAL A 165 8.90 3.63 4.11
C VAL A 165 10.05 2.67 3.87
N LYS A 166 10.02 1.51 4.50
CA LYS A 166 10.95 0.43 4.21
C LYS A 166 10.34 -0.43 3.09
N VAL A 167 11.07 -0.53 1.97
CA VAL A 167 10.64 -1.33 0.82
C VAL A 167 11.43 -2.64 0.78
N SER A 168 10.72 -3.76 0.71
N SER A 168 10.72 -3.76 0.72
CA SER A 168 11.37 -5.05 0.59
CA SER A 168 11.37 -5.06 0.60
C SER A 168 10.69 -5.91 -0.45
C SER A 168 10.72 -5.85 -0.51
N LEU A 169 11.47 -6.82 -1.02
CA LEU A 169 11.00 -7.68 -2.11
C LEU A 169 11.43 -9.12 -1.91
N SER A 170 10.57 -10.06 -2.31
CA SER A 170 10.93 -11.46 -2.22
C SER A 170 10.21 -12.31 -3.26
N GLU A 171 10.78 -13.50 -3.49
CA GLU A 171 10.13 -14.43 -4.40
C GLU A 171 8.86 -15.03 -3.78
N GLU A 172 8.00 -15.58 -4.64
CA GLU A 172 6.83 -16.30 -4.18
C GLU A 172 7.25 -17.36 -3.17
N GLY A 173 6.46 -17.49 -2.09
CA GLY A 173 6.69 -18.51 -1.09
C GLY A 173 7.51 -18.09 0.11
N LYS A 174 8.26 -16.99 0.02
CA LYS A 174 9.05 -16.47 1.12
C LYS A 174 8.72 -15.00 1.35
N MET A 175 8.83 -14.56 2.61
CA MET A 175 8.86 -13.14 2.90
C MET A 175 10.29 -12.63 2.83
N PRO A 176 10.50 -11.34 2.59
CA PRO A 176 11.87 -10.83 2.49
C PRO A 176 12.52 -10.85 3.86
N GLU A 177 13.85 -10.98 3.84
CA GLU A 177 14.65 -11.02 5.06
C GLU A 177 15.23 -9.67 5.43
N ASP A 178 15.54 -8.84 4.44
CA ASP A 178 16.16 -7.54 4.62
C ASP A 178 15.34 -6.49 3.89
N VAL A 179 15.64 -5.23 4.18
CA VAL A 179 15.07 -4.08 3.50
C VAL A 179 15.91 -3.80 2.25
N ALA A 180 15.26 -3.65 1.11
CA ALA A 180 15.98 -3.38 -0.13
C ALA A 180 16.17 -1.90 -0.40
N TYR A 181 15.25 -1.04 0.05
CA TYR A 181 15.27 0.36 -0.30
C TYR A 181 14.48 1.10 0.78
N THR A 182 14.91 2.31 1.15
CA THR A 182 14.13 3.13 2.06
C THR A 182 13.74 4.45 1.42
N ILE A 183 12.46 4.81 1.53
CA ILE A 183 11.97 6.12 1.16
C ILE A 183 12.11 7.03 2.37
N ASP A 184 12.85 8.11 2.23
CA ASP A 184 13.16 8.99 3.34
C ASP A 184 12.37 10.29 3.34
N ASP A 185 11.43 10.46 2.43
CA ASP A 185 10.65 11.68 2.30
C ASP A 185 9.25 11.51 2.88
N ALA A 186 8.90 12.38 3.84
CA ALA A 186 7.62 12.25 4.52
C ALA A 186 6.44 12.47 3.58
N HIS A 187 6.55 13.42 2.65
CA HIS A 187 5.43 13.67 1.75
C HIS A 187 5.20 12.49 0.80
N VAL A 188 6.26 11.96 0.21
CA VAL A 188 6.14 10.75 -0.61
C VAL A 188 5.57 9.60 0.21
N ALA A 189 6.06 9.46 1.44
CA ALA A 189 5.59 8.40 2.28
C ALA A 189 4.09 8.50 2.48
N GLU A 190 3.58 9.71 2.76
CA GLU A 190 2.15 9.88 2.92
C GLU A 190 1.41 9.67 1.59
N ALA A 191 2.01 10.09 0.47
CA ALA A 191 1.38 9.93 -0.82
C ALA A 191 1.23 8.44 -1.16
N LEU A 192 2.20 7.65 -0.73
CA LEU A 192 2.14 6.21 -1.03
C LEU A 192 0.99 5.58 -0.27
N LEU A 193 0.71 6.05 0.96
CA LEU A 193 -0.42 5.53 1.71
C LEU A 193 -1.71 5.98 1.07
N ASP A 194 -1.78 7.26 0.70
CA ASP A 194 -2.92 7.80 -0.03
C ASP A 194 -3.21 7.03 -1.32
N LEU A 195 -2.15 6.57 -2.00
CA LEU A 195 -2.34 5.73 -3.18
C LEU A 195 -3.27 4.56 -2.93
N TYR A 196 -3.18 3.96 -1.73
CA TYR A 196 -3.95 2.74 -1.44
C TYR A 196 -5.19 3.03 -0.61
N LEU A 197 -5.14 4.07 0.23
CA LEU A 197 -6.19 4.29 1.22
C LEU A 197 -6.95 5.60 1.05
N GLY A 198 -6.57 6.43 0.09
CA GLY A 198 -7.11 7.77 -0.08
C GLY A 198 -8.42 7.79 -0.85
N GLU A 199 -8.97 9.00 -0.99
CA GLU A 199 -10.23 9.13 -1.73
C GLU A 199 -10.08 8.65 -3.16
N ASN A 200 -8.92 8.83 -3.78
CA ASN A 200 -8.70 8.39 -5.15
C ASN A 200 -7.90 7.09 -5.21
N THR A 201 -8.04 6.24 -4.20
CA THR A 201 -7.32 4.98 -4.15
C THR A 201 -7.41 4.18 -5.43
N ILE A 202 -6.26 3.63 -5.82
CA ILE A 202 -6.17 2.65 -6.89
C ILE A 202 -6.72 1.30 -6.50
N THR A 203 -7.08 1.10 -5.22
CA THR A 203 -7.71 -0.14 -4.77
C THR A 203 -8.95 0.13 -3.88
N PRO A 204 -10.05 0.51 -4.51
CA PRO A 204 -11.30 0.64 -3.75
C PRO A 204 -11.65 -0.60 -2.95
N SER A 205 -11.32 -1.78 -3.48
CA SER A 205 -11.65 -3.02 -2.79
C SER A 205 -10.92 -3.10 -1.45
N THR A 206 -9.61 -2.73 -1.41
CA THR A 206 -8.91 -2.76 -0.13
C THR A 206 -9.47 -1.73 0.82
N LEU A 207 -9.75 -0.53 0.31
CA LEU A 207 -10.29 0.49 1.20
C LEU A 207 -11.64 0.05 1.76
N ALA A 208 -12.51 -0.50 0.92
CA ALA A 208 -13.80 -1.02 1.39
C ALA A 208 -13.61 -2.12 2.44
N SER A 209 -12.65 -3.02 2.22
CA SER A 209 -12.35 -4.07 3.21
C SER A 209 -11.89 -3.48 4.53
N VAL A 210 -11.04 -2.45 4.46
CA VAL A 210 -10.52 -1.83 5.67
C VAL A 210 -11.63 -1.12 6.44
N ALA A 211 -12.42 -0.32 5.73
CA ALA A 211 -13.48 0.42 6.40
C ALA A 211 -14.45 -0.51 7.10
N GLU A 212 -14.88 -1.57 6.40
CA GLU A 212 -15.69 -2.59 7.06
C GLU A 212 -15.07 -3.01 8.39
N ALA A 213 -13.78 -3.37 8.35
CA ALA A 213 -13.12 -3.89 9.54
C ALA A 213 -13.12 -2.88 10.68
N ILE A 214 -12.98 -1.59 10.36
CA ILE A 214 -12.98 -0.56 11.39
C ILE A 214 -14.41 -0.32 11.91
N ALA A 215 -15.35 -0.17 10.99
CA ALA A 215 -16.73 0.13 11.37
C ALA A 215 -17.39 -0.97 12.18
N ALA A 216 -16.89 -2.20 12.12
CA ALA A 216 -17.45 -3.30 12.88
C ALA A 216 -16.46 -3.76 13.97
#